data_3POG
#
_entry.id   3POG
#
_cell.length_a   111.680
_cell.length_b   64.690
_cell.length_c   52.420
_cell.angle_alpha   90.00
_cell.angle_beta   92.33
_cell.angle_gamma   90.00
#
_symmetry.space_group_name_H-M   'C 1 2 1'
#
loop_
_entity.id
_entity.type
_entity.pdbx_description
1 polymer 'Mannan-binding lectin serine protease 1'
2 non-polymer 'CALCIUM ION'
3 water water
#
_entity_poly.entity_id   1
_entity_poly.type   'polypeptide(L)'
_entity_poly.pdbx_seq_one_letter_code
;MVECSGNLFTQRTGTITSPDYPNPYPKSSECSYTIDLEEGFMVTLQFEDIFDIEDHPEVPCPYDYIKIKAGSKVWGPFCG
EKSPEPISTQSHSIQILFRSDNSGENRGWRLSYRA
;
_entity_poly.pdbx_strand_id   A,B,C
#
loop_
_chem_comp.id
_chem_comp.type
_chem_comp.name
_chem_comp.formula
CA non-polymer 'CALCIUM ION' 'Ca 2'
#
# COMPACT_ATOMS: atom_id res chain seq x y z
N CYS A 4 15.32 -0.73 14.33
CA CYS A 4 14.26 -0.60 15.36
C CYS A 4 14.08 -1.90 16.16
N SER A 5 14.63 -3.01 15.65
CA SER A 5 14.32 -4.32 16.22
C SER A 5 15.52 -4.87 16.98
N GLY A 6 15.46 -4.69 18.30
CA GLY A 6 16.62 -4.82 19.16
C GLY A 6 16.80 -3.46 19.82
N ASN A 7 15.77 -2.98 20.49
CA ASN A 7 15.99 -1.94 21.45
C ASN A 7 15.73 -2.46 22.84
N LEU A 8 16.84 -2.55 23.59
CA LEU A 8 16.88 -2.71 25.05
C LEU A 8 17.14 -1.34 25.76
N PHE A 9 16.29 -1.01 26.74
CA PHE A 9 16.45 0.17 27.56
C PHE A 9 16.72 -0.23 29.01
N THR A 10 17.90 0.09 29.53
CA THR A 10 18.28 -0.31 30.91
C THR A 10 18.25 0.80 31.96
N GLN A 11 18.10 2.06 31.50
CA GLN A 11 18.07 3.22 32.38
C GLN A 11 16.64 3.47 32.89
N ARG A 12 16.48 3.95 34.12
CA ARG A 12 15.16 4.09 34.72
C ARG A 12 14.18 5.13 34.12
N THR A 13 14.69 6.14 33.43
CA THR A 13 13.82 7.03 32.65
C THR A 13 14.25 6.85 31.22
N GLY A 14 13.44 7.31 30.28
CA GLY A 14 13.82 7.15 28.90
C GLY A 14 12.67 7.51 28.01
N THR A 15 12.95 7.41 26.72
CA THR A 15 12.02 7.85 25.71
C THR A 15 12.20 6.98 24.47
N ILE A 16 11.09 6.38 24.07
CA ILE A 16 11.03 5.49 22.93
C ILE A 16 10.17 6.14 21.83
N THR A 17 10.50 5.92 20.57
CA THR A 17 9.65 6.36 19.47
C THR A 17 9.65 5.38 18.31
N SER A 18 8.60 5.48 17.49
CA SER A 18 8.50 4.76 16.23
C SER A 18 9.63 5.21 15.30
N PRO A 19 10.14 4.30 14.46
CA PRO A 19 11.23 4.70 13.58
C PRO A 19 10.90 5.97 12.83
N ASP A 20 11.86 6.87 12.78
CA ASP A 20 11.70 8.02 11.95
C ASP A 20 10.78 9.06 12.62
N TYR A 21 10.12 8.67 13.71
CA TYR A 21 9.19 9.61 14.35
C TYR A 21 9.90 10.94 14.36
N PRO A 22 9.23 11.99 13.88
CA PRO A 22 7.86 11.95 13.42
C PRO A 22 7.64 11.84 11.91
N ASN A 23 8.65 11.43 11.13
CA ASN A 23 8.44 11.03 9.74
C ASN A 23 7.55 9.78 9.70
N PRO A 24 6.95 9.48 8.55
CA PRO A 24 6.26 8.20 8.48
C PRO A 24 7.13 7.00 8.89
N TYR A 25 6.57 6.11 9.71
CA TYR A 25 7.24 4.86 10.09
C TYR A 25 7.22 3.89 8.93
N PRO A 26 8.23 3.02 8.82
CA PRO A 26 8.33 2.22 7.63
C PRO A 26 7.26 1.15 7.62
N LYS A 27 6.92 0.68 6.40
CA LYS A 27 5.93 -0.39 6.21
C LYS A 27 6.49 -1.79 6.42
N SER A 28 5.58 -2.76 6.52
CA SER A 28 5.81 -4.12 7.04
C SER A 28 6.89 -4.21 8.13
N SER A 29 6.58 -3.63 9.29
CA SER A 29 7.57 -3.47 10.31
C SER A 29 7.14 -4.14 11.59
N GLU A 30 7.97 -5.08 12.05
CA GLU A 30 7.83 -5.77 13.34
C GLU A 30 8.92 -5.24 14.28
N CYS A 31 8.65 -4.08 14.88
CA CYS A 31 9.59 -3.46 15.76
C CYS A 31 9.18 -3.71 17.21
N SER A 32 10.12 -4.12 18.04
CA SER A 32 9.92 -4.26 19.48
C SER A 32 10.88 -3.37 20.26
N TYR A 33 10.55 -3.17 21.53
CA TYR A 33 11.30 -2.32 22.44
C TYR A 33 11.14 -2.87 23.84
N THR A 34 12.26 -3.14 24.49
CA THR A 34 12.21 -3.76 25.80
C THR A 34 12.69 -2.74 26.79
N ILE A 35 11.99 -2.62 27.91
CA ILE A 35 12.53 -1.90 29.07
C ILE A 35 12.89 -2.95 30.08
N ASP A 36 14.16 -3.02 30.43
CA ASP A 36 14.55 -4.06 31.34
C ASP A 36 15.32 -3.49 32.51
N LEU A 37 14.62 -3.45 33.64
CA LEU A 37 15.18 -2.99 34.88
C LEU A 37 14.99 -4.05 35.96
N GLU A 38 15.86 -4.02 36.97
CA GLU A 38 15.70 -4.80 38.19
C GLU A 38 14.25 -4.89 38.71
N GLU A 39 13.90 -6.08 39.21
CA GLU A 39 12.53 -6.34 39.68
C GLU A 39 12.19 -5.46 40.87
N GLY A 40 10.98 -4.96 40.92
CA GLY A 40 10.65 -4.01 41.99
C GLY A 40 10.43 -2.61 41.44
N PHE A 41 11.31 -2.15 40.55
CA PHE A 41 11.04 -0.94 39.78
C PHE A 41 9.64 -0.96 39.16
N MET A 42 8.97 0.21 39.19
CA MET A 42 7.59 0.33 38.71
C MET A 42 7.49 1.44 37.65
N VAL A 43 6.97 1.08 36.47
CA VAL A 43 7.06 1.83 35.22
C VAL A 43 5.74 2.47 34.78
N THR A 44 5.76 3.80 34.73
CA THR A 44 4.70 4.59 34.16
C THR A 44 5.14 5.08 32.76
N LEU A 45 4.34 4.73 31.75
CA LEU A 45 4.58 5.02 30.35
C LEU A 45 3.63 6.15 29.99
N GLN A 46 4.12 7.17 29.29
CA GLN A 46 3.29 8.33 28.87
C GLN A 46 3.44 8.58 27.38
N PHE A 47 2.34 8.74 26.67
CA PHE A 47 2.52 9.11 25.29
C PHE A 47 2.56 10.61 25.26
N GLU A 48 3.60 11.10 24.58
CA GLU A 48 3.91 12.52 24.45
C GLU A 48 3.64 12.90 23.00
N ASP A 49 3.38 14.17 22.76
CA ASP A 49 3.29 14.70 21.37
C ASP A 49 2.22 14.07 20.50
N ILE A 50 2.57 13.73 19.26
CA ILE A 50 1.55 13.29 18.29
C ILE A 50 1.49 11.76 18.12
N PHE A 51 0.32 11.21 18.44
CA PHE A 51 0.07 9.79 18.26
C PHE A 51 -0.67 9.67 16.93
N ASP A 52 0.02 9.25 15.88
CA ASP A 52 -0.62 9.00 14.60
C ASP A 52 -0.25 7.57 14.13
N ILE A 53 -1.09 6.61 14.49
CA ILE A 53 -1.01 5.23 13.99
C ILE A 53 -2.27 4.94 13.18
N GLU A 54 -2.10 4.25 12.06
CA GLU A 54 -3.22 4.03 11.17
C GLU A 54 -4.35 3.26 11.86
N ASP A 55 -5.56 3.58 11.46
CA ASP A 55 -6.78 3.41 12.23
C ASP A 55 -7.88 3.04 11.23
N HIS A 56 -9.10 2.89 11.75
CA HIS A 56 -10.26 2.52 10.95
C HIS A 56 -11.46 3.13 11.64
N PRO A 57 -12.48 3.51 10.88
CA PRO A 57 -13.66 4.03 11.56
C PRO A 57 -14.47 2.92 12.27
N GLU A 58 -14.69 1.78 11.60
CA GLU A 58 -15.61 0.74 12.12
C GLU A 58 -15.00 -0.50 12.84
N VAL A 59 -13.72 -0.77 12.62
CA VAL A 59 -13.10 -2.01 13.14
C VAL A 59 -11.86 -1.61 13.93
N PRO A 60 -11.62 -2.28 15.07
CA PRO A 60 -10.57 -1.87 16.01
C PRO A 60 -9.16 -2.22 15.59
N CYS A 61 -8.42 -1.20 15.19
CA CYS A 61 -6.97 -1.27 14.99
C CYS A 61 -6.52 -2.47 14.17
N PRO A 62 -7.10 -2.63 12.97
CA PRO A 62 -6.41 -3.52 12.08
C PRO A 62 -5.14 -2.82 11.58
N TYR A 63 -4.46 -3.39 10.60
CA TYR A 63 -3.32 -2.72 10.00
C TYR A 63 -2.19 -2.53 10.98
N ASP A 64 -2.12 -1.36 11.57
CA ASP A 64 -0.96 -0.95 12.31
C ASP A 64 -1.34 -0.90 13.78
N TYR A 65 -0.37 -0.94 14.67
CA TYR A 65 -0.69 -0.88 16.08
C TYR A 65 0.49 -0.97 17.04
N ILE A 66 0.39 -0.26 18.15
CA ILE A 66 1.30 -0.49 19.28
C ILE A 66 0.63 -1.35 20.36
N LYS A 67 1.33 -2.39 20.78
CA LYS A 67 0.87 -3.24 21.87
C LYS A 67 1.94 -3.15 22.98
N ILE A 68 1.55 -3.24 24.24
CA ILE A 68 2.50 -3.26 25.35
C ILE A 68 2.19 -4.40 26.30
N LYS A 69 3.20 -5.22 26.53
CA LYS A 69 3.03 -6.46 27.24
C LYS A 69 3.94 -6.36 28.47
N ALA A 70 3.40 -6.73 29.63
CA ALA A 70 4.21 -6.96 30.84
C ALA A 70 3.59 -8.08 31.66
N GLY A 71 4.42 -9.00 32.12
CA GLY A 71 3.91 -10.16 32.85
C GLY A 71 2.83 -10.79 32.01
N SER A 72 1.73 -11.13 32.65
CA SER A 72 0.56 -11.61 31.89
C SER A 72 -0.20 -10.42 31.27
N LYS A 73 -0.19 -9.28 31.97
CA LYS A 73 -0.84 -8.03 31.54
C LYS A 73 -0.53 -7.64 30.10
N VAL A 74 -1.52 -7.19 29.34
CA VAL A 74 -1.35 -6.77 27.93
C VAL A 74 -2.16 -5.52 27.76
N TRP A 75 -1.52 -4.38 27.46
CA TRP A 75 -2.23 -3.14 27.09
C TRP A 75 -2.24 -3.00 25.57
N GLY A 76 -3.38 -2.62 25.01
CA GLY A 76 -3.54 -2.48 23.54
C GLY A 76 -4.07 -3.76 22.91
N PRO A 77 -4.02 -3.86 21.55
CA PRO A 77 -3.42 -2.94 20.58
C PRO A 77 -4.08 -1.55 20.51
N PHE A 78 -3.25 -0.53 20.30
CA PHE A 78 -3.69 0.85 20.12
C PHE A 78 -3.46 1.33 18.67
N CYS A 79 -4.30 2.25 18.21
CA CYS A 79 -4.07 3.07 17.03
C CYS A 79 -4.99 4.29 16.99
N GLY A 80 -4.85 5.09 15.95
CA GLY A 80 -5.65 6.31 15.82
C GLY A 80 -4.82 7.54 16.11
N GLU A 81 -5.50 8.66 16.31
CA GLU A 81 -4.90 10.01 16.39
C GLU A 81 -4.72 10.45 17.84
N LYS A 82 -5.36 9.70 18.72
CA LYS A 82 -5.32 9.94 20.18
C LYS A 82 -4.70 8.76 20.95
N SER A 83 -3.68 9.08 21.75
CA SER A 83 -2.96 8.08 22.54
C SER A 83 -3.73 7.72 23.79
N PRO A 84 -3.65 6.45 24.23
CA PRO A 84 -4.12 6.03 25.54
C PRO A 84 -3.54 6.89 26.63
N GLU A 85 -4.36 7.13 27.67
CA GLU A 85 -3.92 7.76 28.90
C GLU A 85 -2.70 7.03 29.49
N PRO A 86 -1.88 7.76 30.29
CA PRO A 86 -0.64 7.17 30.82
C PRO A 86 -0.86 5.74 31.34
N ILE A 87 0.11 4.87 31.15
CA ILE A 87 -0.02 3.50 31.65
C ILE A 87 0.89 3.19 32.82
N SER A 88 0.25 2.84 33.93
CA SER A 88 0.91 2.44 35.15
C SER A 88 1.10 0.91 35.14
N THR A 89 2.23 0.42 34.66
CA THR A 89 2.34 -1.04 34.45
C THR A 89 2.54 -1.87 35.72
N GLN A 90 3.07 -1.23 36.75
CA GLN A 90 3.48 -1.88 37.98
C GLN A 90 4.35 -3.05 37.63
N SER A 91 5.22 -2.86 36.66
CA SER A 91 6.12 -3.92 36.22
C SER A 91 7.48 -3.26 35.99
N HIS A 92 8.53 -4.10 35.92
CA HIS A 92 9.92 -3.67 35.78
C HIS A 92 10.47 -4.05 34.42
N SER A 93 9.63 -4.69 33.61
CA SER A 93 10.03 -5.34 32.39
C SER A 93 8.88 -5.36 31.45
N ILE A 94 8.90 -4.39 30.54
CA ILE A 94 7.89 -4.15 29.55
C ILE A 94 8.42 -4.38 28.14
N GLN A 95 7.58 -5.00 27.32
CA GLN A 95 7.82 -5.27 25.93
C GLN A 95 6.85 -4.33 25.21
N ILE A 96 7.34 -3.22 24.68
CA ILE A 96 6.51 -2.47 23.75
C ILE A 96 6.67 -3.05 22.33
N LEU A 97 5.58 -3.58 21.77
CA LEU A 97 5.60 -4.12 20.41
C LEU A 97 4.84 -3.18 19.49
N PHE A 98 5.47 -2.75 18.40
CA PHE A 98 4.81 -1.91 17.42
C PHE A 98 4.84 -2.62 16.11
N ARG A 99 3.75 -2.52 15.33
CA ARG A 99 3.58 -3.28 14.08
C ARG A 99 2.81 -2.53 13.00
N SER A 100 3.40 -2.38 11.82
CA SER A 100 2.72 -1.77 10.70
C SER A 100 2.61 -2.72 9.51
N ASP A 101 1.54 -2.59 8.73
CA ASP A 101 1.35 -3.32 7.48
C ASP A 101 2.09 -2.64 6.34
N ASN A 102 1.61 -2.84 5.12
CA ASN A 102 2.37 -2.56 3.89
C ASN A 102 1.98 -1.25 3.21
N SER A 103 1.25 -0.39 3.90
CA SER A 103 0.82 0.90 3.33
C SER A 103 0.48 1.86 4.44
N GLY A 104 0.25 3.11 4.08
CA GLY A 104 -0.21 4.11 5.05
C GLY A 104 0.76 5.26 5.14
N GLU A 105 0.28 6.43 5.58
CA GLU A 105 1.21 7.52 5.82
C GLU A 105 0.97 8.08 7.21
N ASN A 106 1.29 7.32 8.24
CA ASN A 106 1.22 7.86 9.57
C ASN A 106 2.58 8.07 10.23
N ARG A 107 2.65 9.13 11.01
CA ARG A 107 3.90 9.62 11.56
C ARG A 107 4.38 8.85 12.82
N GLY A 108 3.54 7.98 13.37
CA GLY A 108 3.95 7.12 14.48
C GLY A 108 3.47 7.56 15.86
N TRP A 109 4.39 7.50 16.83
CA TRP A 109 4.07 7.62 18.24
C TRP A 109 5.33 7.95 18.99
N ARG A 110 5.15 8.38 20.23
CA ARG A 110 6.26 8.68 21.07
C ARG A 110 5.81 8.52 22.49
N LEU A 111 6.54 7.71 23.23
CA LEU A 111 6.30 7.61 24.65
C LEU A 111 7.59 7.93 25.42
N SER A 112 7.42 8.45 26.62
CA SER A 112 8.53 8.61 27.53
C SER A 112 8.21 7.78 28.79
N TYR A 113 9.11 6.89 29.17
CA TYR A 113 8.89 6.06 30.36
C TYR A 113 9.68 6.61 31.54
N ARG A 114 9.36 6.13 32.75
CA ARG A 114 10.09 6.46 33.99
C ARG A 114 9.70 5.52 35.11
N ALA A 115 10.68 5.15 35.95
CA ALA A 115 10.51 4.18 37.06
C ALA A 115 11.30 4.49 38.35
N CYS B 4 -19.71 -2.02 6.44
CA CYS B 4 -20.10 -1.75 5.00
C CYS B 4 -20.80 -2.96 4.37
N SER B 5 -20.25 -4.14 4.65
CA SER B 5 -20.88 -5.38 4.30
C SER B 5 -22.23 -5.44 5.01
N GLY B 6 -23.08 -6.33 4.53
CA GLY B 6 -24.44 -6.46 5.08
C GLY B 6 -25.48 -5.56 4.41
N ASN B 7 -25.17 -4.24 4.31
CA ASN B 7 -26.17 -3.17 4.01
C ASN B 7 -27.28 -3.48 2.99
N LEU B 8 -28.54 -3.24 3.38
CA LEU B 8 -29.67 -3.73 2.60
C LEU B 8 -30.71 -2.66 2.31
N PHE B 9 -30.95 -2.42 1.02
CA PHE B 9 -31.89 -1.39 0.58
C PHE B 9 -33.19 -2.01 0.13
N THR B 10 -34.29 -1.60 0.79
CA THR B 10 -35.61 -2.15 0.48
C THR B 10 -36.60 -1.14 -0.12
N GLN B 11 -36.19 0.13 -0.24
CA GLN B 11 -36.99 1.15 -0.89
C GLN B 11 -36.66 1.23 -2.39
N ARG B 12 -37.65 1.58 -3.19
CA ARG B 12 -37.47 1.53 -4.63
C ARG B 12 -36.58 2.62 -5.19
N THR B 13 -36.48 3.72 -4.44
CA THR B 13 -35.51 4.78 -4.70
C THR B 13 -34.52 4.72 -3.55
N GLY B 14 -33.25 4.96 -3.83
CA GLY B 14 -32.26 4.92 -2.79
C GLY B 14 -30.95 5.46 -3.30
N THR B 15 -29.92 5.33 -2.49
CA THR B 15 -28.63 5.94 -2.78
C THR B 15 -27.55 5.21 -2.02
N ILE B 16 -26.46 4.91 -2.71
CA ILE B 16 -25.44 3.96 -2.23
C ILE B 16 -24.05 4.44 -2.61
N THR B 17 -23.16 4.47 -1.61
CA THR B 17 -21.84 5.07 -1.73
C THR B 17 -20.76 4.20 -1.11
N SER B 18 -19.51 4.48 -1.41
CA SER B 18 -18.44 3.71 -0.85
C SER B 18 -18.27 4.17 0.59
N PRO B 19 -17.58 3.38 1.44
CA PRO B 19 -17.32 3.90 2.78
C PRO B 19 -16.64 5.29 2.75
N ASP B 20 -17.11 6.12 3.68
CA ASP B 20 -17.08 7.59 3.63
C ASP B 20 -16.82 8.31 2.33
N TYR B 21 -17.43 7.82 1.26
CA TYR B 21 -17.48 8.56 0.03
C TYR B 21 -17.75 10.04 0.37
N PRO B 22 -16.99 10.97 -0.25
CA PRO B 22 -15.87 10.74 -1.18
C PRO B 22 -14.48 10.74 -0.53
N ASN B 23 -14.41 10.45 0.77
CA ASN B 23 -13.13 10.20 1.43
C ASN B 23 -12.54 8.87 0.96
N PRO B 24 -11.21 8.72 1.04
CA PRO B 24 -10.62 7.44 0.68
C PRO B 24 -11.35 6.25 1.30
N TYR B 25 -11.67 5.26 0.47
CA TYR B 25 -12.28 4.03 0.94
C TYR B 25 -11.27 3.10 1.62
N PRO B 26 -11.67 2.41 2.68
CA PRO B 26 -10.82 1.54 3.46
C PRO B 26 -10.06 0.46 2.68
N LYS B 27 -8.77 0.35 2.97
CA LYS B 27 -7.92 -0.67 2.39
C LYS B 27 -8.41 -2.04 2.83
N SER B 28 -8.54 -2.96 1.87
CA SER B 28 -9.04 -4.35 2.05
C SER B 28 -10.53 -4.55 2.38
N SER B 29 -11.31 -3.49 2.31
CA SER B 29 -12.76 -3.60 2.15
C SER B 29 -13.22 -4.79 1.26
N GLU B 30 -14.05 -5.65 1.81
CA GLU B 30 -14.95 -6.44 0.99
C GLU B 30 -16.38 -6.08 1.39
N CYS B 31 -16.90 -5.09 0.71
CA CYS B 31 -18.21 -4.58 1.02
C CYS B 31 -19.23 -5.15 0.06
N SER B 32 -20.47 -5.21 0.48
CA SER B 32 -21.56 -5.59 -0.40
C SER B 32 -22.81 -4.86 0.01
N TYR B 33 -23.71 -4.68 -0.95
CA TYR B 33 -24.93 -3.92 -0.76
C TYR B 33 -25.96 -4.67 -1.53
N THR B 34 -27.20 -4.69 -1.02
CA THR B 34 -28.29 -5.39 -1.70
C THR B 34 -29.44 -4.42 -1.94
N ILE B 35 -29.96 -4.40 -3.17
CA ILE B 35 -31.25 -3.78 -3.40
C ILE B 35 -32.26 -4.91 -3.54
N ASP B 36 -33.18 -5.00 -2.58
CA ASP B 36 -34.12 -6.12 -2.54
C ASP B 36 -35.59 -5.70 -2.56
N LEU B 37 -36.19 -5.89 -3.72
CA LEU B 37 -37.56 -5.47 -3.98
C LEU B 37 -38.35 -6.64 -4.57
N GLU B 38 -39.68 -6.57 -4.57
CA GLU B 38 -40.48 -7.62 -5.20
C GLU B 38 -40.23 -7.69 -6.73
N GLU B 39 -40.40 -8.88 -7.33
CA GLU B 39 -40.45 -9.02 -8.79
C GLU B 39 -41.41 -8.01 -9.41
N GLY B 40 -41.01 -7.47 -10.56
CA GLY B 40 -41.81 -6.48 -11.20
C GLY B 40 -41.18 -5.11 -11.00
N PHE B 41 -40.35 -4.96 -9.96
CA PHE B 41 -39.56 -3.73 -9.83
C PHE B 41 -38.28 -3.89 -10.59
N MET B 42 -38.05 -2.97 -11.52
CA MET B 42 -36.90 -3.00 -12.41
C MET B 42 -35.94 -1.84 -12.05
N VAL B 43 -34.73 -2.16 -11.65
CA VAL B 43 -33.82 -1.20 -11.06
C VAL B 43 -32.84 -0.62 -12.06
N THR B 44 -32.71 0.69 -12.03
CA THR B 44 -31.74 1.38 -12.88
C THR B 44 -30.76 2.07 -11.96
N LEU B 45 -29.48 1.77 -12.19
CA LEU B 45 -28.39 2.26 -11.35
C LEU B 45 -27.72 3.39 -12.09
N GLN B 46 -27.74 4.57 -11.47
CA GLN B 46 -27.12 5.71 -12.05
C GLN B 46 -25.90 6.12 -11.22
N PHE B 47 -24.79 6.31 -11.89
CA PHE B 47 -23.63 6.74 -11.18
C PHE B 47 -23.63 8.26 -11.17
N GLU B 48 -23.56 8.78 -9.97
CA GLU B 48 -23.59 10.18 -9.81
C GLU B 48 -22.24 10.64 -9.36
N ASP B 49 -21.91 11.88 -9.75
CA ASP B 49 -20.78 12.60 -9.19
C ASP B 49 -19.54 11.89 -9.57
N ILE B 50 -18.53 11.96 -8.71
CA ILE B 50 -17.21 11.46 -9.08
C ILE B 50 -17.07 9.99 -8.82
N PHE B 51 -16.24 9.38 -9.66
CA PHE B 51 -16.07 7.94 -9.65
C PHE B 51 -14.56 7.74 -9.72
N ASP B 52 -14.01 7.24 -8.62
CA ASP B 52 -12.58 7.14 -8.47
C ASP B 52 -12.32 5.84 -7.78
N ILE B 53 -12.02 4.83 -8.56
CA ILE B 53 -11.61 3.54 -8.04
C ILE B 53 -10.25 3.34 -8.65
N GLU B 54 -9.34 2.74 -7.89
CA GLU B 54 -8.03 2.46 -8.40
C GLU B 54 -8.15 1.67 -9.72
N ASP B 55 -7.36 2.05 -10.72
CA ASP B 55 -7.38 1.32 -11.97
C ASP B 55 -5.98 1.16 -12.55
N HIS B 56 -5.90 0.43 -13.65
CA HIS B 56 -4.63 0.21 -14.30
C HIS B 56 -4.76 0.60 -15.77
N PRO B 57 -3.79 1.39 -16.27
CA PRO B 57 -3.85 2.00 -17.61
C PRO B 57 -3.96 0.93 -18.70
N GLU B 58 -3.67 -0.30 -18.29
CA GLU B 58 -3.87 -1.51 -19.11
C GLU B 58 -4.14 -2.59 -18.09
N VAL B 59 -4.49 -3.79 -18.54
CA VAL B 59 -4.93 -4.82 -17.58
C VAL B 59 -6.13 -4.30 -16.83
N PRO B 60 -7.24 -5.06 -16.86
CA PRO B 60 -8.50 -4.58 -16.34
C PRO B 60 -8.64 -4.71 -14.86
N CYS B 61 -8.71 -3.54 -14.21
CA CYS B 61 -9.16 -3.38 -12.80
C CYS B 61 -8.70 -4.54 -11.91
N PRO B 62 -7.37 -4.67 -11.69
CA PRO B 62 -6.78 -5.71 -10.88
C PRO B 62 -6.38 -5.29 -9.46
N TYR B 63 -6.99 -4.25 -8.93
CA TYR B 63 -6.62 -3.76 -7.62
C TYR B 63 -7.91 -3.66 -6.88
N ASP B 64 -8.78 -2.79 -7.37
CA ASP B 64 -10.08 -2.56 -6.79
C ASP B 64 -11.10 -2.69 -7.88
N TYR B 65 -12.37 -2.76 -7.50
CA TYR B 65 -13.45 -2.91 -8.47
C TYR B 65 -14.83 -2.94 -7.80
N ILE B 66 -15.79 -2.40 -8.53
CA ILE B 66 -17.20 -2.53 -8.26
C ILE B 66 -17.79 -3.42 -9.37
N LYS B 67 -18.61 -4.37 -8.94
CA LYS B 67 -19.14 -5.41 -9.79
C LYS B 67 -20.59 -5.48 -9.35
N ILE B 68 -21.47 -5.86 -10.25
CA ILE B 68 -22.90 -5.84 -9.93
C ILE B 68 -23.50 -7.06 -10.55
N LYS B 69 -24.16 -7.87 -9.71
CA LYS B 69 -24.80 -9.09 -10.18
C LYS B 69 -26.29 -8.89 -10.01
N ALA B 70 -27.05 -9.36 -11.01
CA ALA B 70 -28.51 -9.47 -10.96
C ALA B 70 -28.98 -10.70 -11.73
N GLY B 71 -29.42 -11.71 -10.98
CA GLY B 71 -29.73 -13.02 -11.54
C GLY B 71 -28.43 -13.74 -11.86
N SER B 72 -28.20 -13.94 -13.15
CA SER B 72 -26.91 -14.42 -13.70
C SER B 72 -26.28 -13.33 -14.59
N LYS B 73 -26.90 -12.14 -14.62
CA LYS B 73 -26.34 -10.95 -15.26
C LYS B 73 -25.26 -10.35 -14.38
N VAL B 74 -24.09 -10.09 -14.96
CA VAL B 74 -22.98 -9.38 -14.32
C VAL B 74 -22.70 -8.09 -15.07
N TRP B 75 -22.62 -6.97 -14.35
CA TRP B 75 -22.06 -5.69 -14.87
C TRP B 75 -20.71 -5.39 -14.23
N GLY B 76 -19.70 -5.12 -15.05
CA GLY B 76 -18.35 -4.94 -14.53
C GLY B 76 -17.63 -6.25 -14.46
N PRO B 77 -16.57 -6.33 -13.65
CA PRO B 77 -15.99 -5.34 -12.75
C PRO B 77 -15.66 -4.04 -13.44
N PHE B 78 -16.13 -2.96 -12.82
CA PHE B 78 -15.79 -1.61 -13.22
C PHE B 78 -14.72 -1.01 -12.30
N CYS B 79 -13.89 -0.13 -12.87
CA CYS B 79 -13.03 0.81 -12.13
C CYS B 79 -12.67 2.00 -13.00
N GLY B 80 -11.68 2.79 -12.56
CA GLY B 80 -11.24 3.94 -13.32
C GLY B 80 -11.86 5.23 -12.81
N GLU B 81 -11.57 6.33 -13.50
CA GLU B 81 -11.98 7.66 -13.07
C GLU B 81 -13.31 8.11 -13.66
N LYS B 82 -13.83 7.34 -14.60
CA LYS B 82 -15.12 7.61 -15.23
C LYS B 82 -15.97 6.37 -15.07
N SER B 83 -17.20 6.59 -14.63
CA SER B 83 -18.10 5.49 -14.34
C SER B 83 -18.74 4.97 -15.62
N PRO B 84 -19.22 3.72 -15.57
CA PRO B 84 -20.23 3.26 -16.50
C PRO B 84 -21.37 4.25 -16.68
N GLU B 85 -21.84 4.37 -17.93
CA GLU B 85 -23.17 4.89 -18.27
C GLU B 85 -24.23 4.09 -17.50
N PRO B 86 -25.42 4.66 -17.22
CA PRO B 86 -26.40 3.96 -16.35
C PRO B 86 -26.81 2.55 -16.85
N ILE B 87 -27.34 1.71 -15.97
CA ILE B 87 -27.57 0.30 -16.29
C ILE B 87 -29.00 -0.10 -16.05
N SER B 88 -29.67 -0.65 -17.05
CA SER B 88 -31.03 -1.21 -16.87
C SER B 88 -31.02 -2.68 -16.46
N THR B 89 -30.99 -2.91 -15.14
CA THR B 89 -30.91 -4.25 -14.58
C THR B 89 -32.08 -5.16 -14.92
N GLN B 90 -33.21 -4.53 -15.26
CA GLN B 90 -34.46 -5.21 -15.57
C GLN B 90 -34.84 -6.19 -14.49
N SER B 91 -34.42 -5.91 -13.25
CA SER B 91 -34.43 -6.88 -12.18
C SER B 91 -34.88 -6.29 -10.87
N HIS B 92 -35.33 -7.14 -9.96
CA HIS B 92 -35.82 -6.76 -8.64
C HIS B 92 -34.77 -6.94 -7.52
N SER B 93 -33.69 -7.66 -7.82
CA SER B 93 -32.78 -8.18 -6.81
C SER B 93 -31.36 -7.94 -7.24
N ILE B 94 -30.69 -7.04 -6.54
CA ILE B 94 -29.43 -6.48 -7.00
C ILE B 94 -28.40 -6.52 -5.90
N GLN B 95 -27.35 -7.25 -6.18
CA GLN B 95 -26.23 -7.43 -5.29
C GLN B 95 -25.05 -6.65 -5.81
N ILE B 96 -24.69 -5.59 -5.09
CA ILE B 96 -23.50 -4.79 -5.43
C ILE B 96 -22.30 -5.08 -4.49
N LEU B 97 -21.22 -5.60 -5.03
CA LEU B 97 -20.02 -5.72 -4.22
C LEU B 97 -18.88 -4.83 -4.66
N PHE B 98 -18.35 -4.11 -3.69
CA PHE B 98 -17.17 -3.29 -3.89
C PHE B 98 -15.96 -3.81 -3.08
N ARG B 99 -14.91 -4.14 -3.83
CA ARG B 99 -13.70 -4.81 -3.37
C ARG B 99 -12.49 -3.95 -3.58
N SER B 100 -11.73 -3.72 -2.53
CA SER B 100 -10.53 -2.88 -2.58
C SER B 100 -9.34 -3.70 -2.19
N ASP B 101 -8.14 -3.30 -2.61
CA ASP B 101 -6.95 -4.03 -2.20
C ASP B 101 -6.33 -3.41 -0.97
N ASN B 102 -5.03 -3.59 -0.74
CA ASN B 102 -4.38 -3.15 0.51
C ASN B 102 -3.66 -1.82 0.43
N SER B 103 -4.09 -0.94 -0.49
CA SER B 103 -3.49 0.37 -0.67
C SER B 103 -4.22 1.13 -1.70
N GLY B 104 -3.87 2.41 -1.80
CA GLY B 104 -4.44 3.31 -2.80
C GLY B 104 -5.26 4.29 -2.02
N GLU B 105 -5.42 5.51 -2.54
CA GLU B 105 -6.10 6.56 -1.78
C GLU B 105 -7.37 7.07 -2.46
N ASN B 106 -7.95 6.23 -3.32
CA ASN B 106 -9.12 6.59 -4.15
C ASN B 106 -10.44 6.89 -3.43
N ARG B 107 -11.22 7.76 -4.04
CA ARG B 107 -12.33 8.44 -3.37
C ARG B 107 -13.65 7.66 -3.47
N GLY B 108 -13.72 6.72 -4.41
CA GLY B 108 -14.84 5.77 -4.51
C GLY B 108 -15.93 6.07 -5.51
N TRP B 109 -17.17 5.80 -5.11
CA TRP B 109 -18.28 5.88 -6.04
C TRP B 109 -19.53 6.18 -5.30
N ARG B 110 -20.41 6.95 -5.93
CA ARG B 110 -21.79 7.11 -5.45
C ARG B 110 -22.78 6.73 -6.53
N LEU B 111 -23.75 5.89 -6.16
CA LEU B 111 -24.82 5.47 -7.06
C LEU B 111 -26.18 5.69 -6.45
N SER B 112 -27.14 6.07 -7.27
CA SER B 112 -28.54 6.08 -6.86
C SER B 112 -29.27 5.01 -7.64
N TYR B 113 -30.39 4.57 -7.12
CA TYR B 113 -31.24 3.64 -7.85
C TYR B 113 -32.70 4.06 -7.86
N ARG B 114 -33.38 3.69 -8.93
CA ARG B 114 -34.78 3.99 -9.08
C ARG B 114 -35.54 2.77 -9.61
N ALA B 115 -36.74 2.58 -9.06
CA ALA B 115 -37.67 1.51 -9.47
C ALA B 115 -39.08 2.05 -9.37
N CYS C 4 4.32 -3.42 -20.32
CA CYS C 4 5.68 -3.58 -19.74
C CYS C 4 6.41 -4.95 -19.92
N SER C 5 5.74 -6.11 -19.87
CA SER C 5 6.55 -7.36 -19.90
C SER C 5 6.68 -8.09 -21.25
N GLY C 6 7.85 -7.91 -21.86
CA GLY C 6 8.16 -8.44 -23.18
C GLY C 6 8.99 -7.39 -23.92
N ASN C 7 9.76 -6.59 -23.16
CA ASN C 7 10.50 -5.54 -23.86
C ASN C 7 11.74 -6.11 -24.57
N LEU C 8 11.73 -6.03 -25.90
CA LEU C 8 12.85 -6.46 -26.73
C LEU C 8 13.48 -5.28 -27.43
N PHE C 9 14.79 -5.15 -27.25
CA PHE C 9 15.53 -4.05 -27.86
C PHE C 9 16.61 -4.63 -28.73
N THR C 10 16.44 -4.52 -30.05
CA THR C 10 17.45 -5.03 -30.96
C THR C 10 18.41 -3.95 -31.51
N GLN C 11 18.06 -2.68 -31.32
CA GLN C 11 18.86 -1.58 -31.85
C GLN C 11 20.04 -1.35 -30.94
N ARG C 12 21.25 -1.20 -31.52
CA ARG C 12 22.50 -1.11 -30.71
C ARG C 12 22.62 0.08 -29.71
N THR C 13 21.85 1.15 -29.95
CA THR C 13 21.64 2.26 -28.99
C THR C 13 20.14 2.50 -28.82
N GLY C 14 19.72 2.83 -27.59
CA GLY C 14 18.31 3.02 -27.28
C GLY C 14 17.94 3.41 -25.84
N THR C 15 16.64 3.68 -25.62
CA THR C 15 16.14 4.20 -24.35
C THR C 15 15.24 3.17 -23.60
N ILE C 16 15.45 3.05 -22.30
CA ILE C 16 14.63 2.20 -21.45
C ILE C 16 14.19 3.00 -20.22
N THR C 17 12.87 3.08 -20.02
CA THR C 17 12.27 3.78 -18.90
C THR C 17 11.34 2.87 -18.16
N SER C 18 11.23 3.08 -16.86
CA SER C 18 10.20 2.46 -16.03
C SER C 18 8.78 2.71 -16.58
N PRO C 19 7.86 1.75 -16.32
CA PRO C 19 6.48 1.89 -16.79
C PRO C 19 5.93 3.26 -16.44
N ASP C 20 5.34 3.91 -17.44
CA ASP C 20 4.72 5.24 -17.28
C ASP C 20 5.70 6.31 -16.77
N TYR C 21 7.00 6.04 -16.86
CA TYR C 21 7.96 7.13 -16.56
C TYR C 21 7.48 8.44 -17.25
N PRO C 22 7.59 9.59 -16.56
CA PRO C 22 8.20 9.73 -15.25
C PRO C 22 7.19 9.97 -14.11
N ASN C 23 5.96 9.44 -14.25
CA ASN C 23 5.08 9.35 -13.07
C ASN C 23 5.11 7.95 -12.36
N PRO C 24 4.51 7.86 -11.15
CA PRO C 24 4.51 6.61 -10.39
C PRO C 24 4.45 5.34 -11.25
N TYR C 25 5.32 4.39 -10.93
CA TYR C 25 5.22 3.14 -11.61
C TYR C 25 4.14 2.37 -10.96
N PRO C 26 3.44 1.52 -11.71
CA PRO C 26 2.30 0.84 -11.10
C PRO C 26 2.71 -0.20 -10.06
N LYS C 27 1.92 -0.28 -8.98
CA LYS C 27 2.15 -1.32 -7.97
C LYS C 27 2.11 -2.73 -8.49
N SER C 28 2.81 -3.55 -7.72
CA SER C 28 3.02 -4.95 -8.01
C SER C 28 3.45 -5.31 -9.44
N SER C 29 4.18 -4.40 -10.09
CA SER C 29 4.76 -4.64 -11.41
C SER C 29 5.90 -5.65 -11.34
N GLU C 30 5.95 -6.58 -12.30
CA GLU C 30 7.15 -7.40 -12.53
C GLU C 30 7.60 -7.30 -14.01
N CYS C 31 8.17 -6.14 -14.32
CA CYS C 31 8.53 -5.81 -15.68
C CYS C 31 9.88 -6.39 -16.03
N SER C 32 10.05 -6.73 -17.30
CA SER C 32 11.35 -7.21 -17.80
C SER C 32 11.74 -6.46 -19.09
N TYR C 33 13.03 -6.45 -19.38
CA TYR C 33 13.53 -5.74 -20.54
C TYR C 33 14.78 -6.46 -20.94
N THR C 34 14.74 -7.03 -22.15
CA THR C 34 15.88 -7.71 -22.72
C THR C 34 16.51 -6.82 -23.81
N ILE C 35 17.84 -6.83 -23.89
CA ILE C 35 18.59 -6.23 -24.99
C ILE C 35 19.29 -7.38 -25.67
N ASP C 36 18.99 -7.57 -26.95
CA ASP C 36 19.60 -8.65 -27.66
C ASP C 36 20.26 -8.09 -28.88
N LEU C 37 21.60 -8.10 -28.80
CA LEU C 37 22.50 -7.62 -29.83
C LEU C 37 23.47 -8.75 -30.10
N GLU C 38 24.22 -8.64 -31.20
CA GLU C 38 25.19 -9.66 -31.60
C GLU C 38 26.42 -9.71 -30.72
N GLU C 39 26.80 -10.94 -30.36
CA GLU C 39 28.04 -11.22 -29.66
C GLU C 39 29.11 -10.32 -30.22
N GLY C 40 29.64 -9.46 -29.38
CA GLY C 40 30.58 -8.48 -29.83
C GLY C 40 30.17 -7.16 -29.18
N PHE C 41 28.94 -6.74 -29.44
CA PHE C 41 28.43 -5.52 -28.84
C PHE C 41 28.47 -5.48 -27.30
N MET C 42 29.44 -4.73 -26.79
CA MET C 42 29.65 -4.49 -25.38
C MET C 42 28.72 -3.37 -25.01
N VAL C 43 27.69 -3.67 -24.23
CA VAL C 43 26.67 -2.68 -23.96
C VAL C 43 27.07 -1.91 -22.74
N THR C 44 26.95 -0.58 -22.85
CA THR C 44 27.16 0.33 -21.71
C THR C 44 25.85 0.97 -21.36
N LEU C 45 25.59 1.02 -20.05
CA LEU C 45 24.31 1.45 -19.45
C LEU C 45 24.47 2.71 -18.63
N GLN C 46 23.59 3.66 -18.86
CA GLN C 46 23.73 4.91 -18.18
C GLN C 46 22.37 5.40 -17.78
N PHE C 47 22.09 5.26 -16.48
CA PHE C 47 20.94 5.84 -15.85
C PHE C 47 21.09 7.35 -15.96
N GLU C 48 20.10 7.99 -16.54
CA GLU C 48 20.14 9.43 -16.55
C GLU C 48 19.12 9.90 -15.56
N ASP C 49 18.83 11.20 -15.60
CA ASP C 49 17.52 11.73 -15.18
C ASP C 49 17.23 11.42 -13.72
N ILE C 50 15.95 11.40 -13.42
CA ILE C 50 15.42 10.98 -12.13
C ILE C 50 15.43 9.45 -11.98
N PHE C 51 16.12 9.01 -10.95
CA PHE C 51 16.09 7.65 -10.59
C PHE C 51 15.52 7.78 -9.19
N ASP C 52 14.28 7.31 -9.04
CA ASP C 52 13.56 7.25 -7.76
C ASP C 52 12.83 5.89 -7.55
N ILE C 53 13.53 4.93 -6.91
CA ILE C 53 12.98 3.63 -6.62
C ILE C 53 12.81 3.51 -5.13
N GLU C 54 11.66 3.04 -4.67
CA GLU C 54 11.43 2.98 -3.21
C GLU C 54 12.58 2.26 -2.51
N ASP C 55 13.11 2.86 -1.46
CA ASP C 55 14.26 2.30 -0.72
C ASP C 55 13.97 2.12 0.74
N HIS C 56 15.01 1.74 1.50
CA HIS C 56 14.89 1.67 2.95
C HIS C 56 16.17 2.20 3.66
N PRO C 57 15.99 2.97 4.75
CA PRO C 57 17.15 3.55 5.45
C PRO C 57 18.10 2.51 6.03
N GLU C 58 17.68 1.24 6.10
CA GLU C 58 18.41 0.23 6.87
C GLU C 58 18.48 -1.13 6.20
N VAL C 59 17.50 -1.42 5.36
CA VAL C 59 17.43 -2.70 4.68
C VAL C 59 17.78 -2.41 3.24
N PRO C 60 18.60 -3.26 2.62
CA PRO C 60 18.96 -3.15 1.21
C PRO C 60 17.80 -3.46 0.28
N CYS C 61 17.24 -2.40 -0.33
CA CYS C 61 16.12 -2.47 -1.31
C CYS C 61 15.13 -3.63 -1.09
N PRO C 62 14.34 -3.59 -0.01
CA PRO C 62 13.36 -4.64 0.23
C PRO C 62 12.09 -4.55 -0.59
N TYR C 63 11.69 -3.37 -1.03
CA TYR C 63 10.37 -3.25 -1.61
C TYR C 63 10.39 -3.34 -3.09
N ASP C 64 11.10 -2.40 -3.69
CA ASP C 64 11.13 -2.19 -5.11
C ASP C 64 12.59 -2.24 -5.51
N TYR C 65 12.86 -2.71 -6.73
CA TYR C 65 14.21 -2.81 -7.19
C TYR C 65 14.28 -3.06 -8.69
N ILE C 66 15.38 -2.60 -9.28
CA ILE C 66 15.88 -3.00 -10.60
C ILE C 66 17.18 -3.84 -10.45
N LYS C 67 17.21 -4.96 -11.15
CA LYS C 67 18.30 -5.91 -11.10
C LYS C 67 18.73 -6.04 -12.54
N ILE C 68 19.99 -6.35 -12.78
CA ILE C 68 20.51 -6.48 -14.16
C ILE C 68 21.38 -7.72 -14.37
N LYS C 69 21.04 -8.50 -15.39
CA LYS C 69 21.82 -9.69 -15.74
C LYS C 69 22.47 -9.65 -17.13
N ALA C 70 23.74 -10.08 -17.18
CA ALA C 70 24.49 -10.30 -18.45
C ALA C 70 25.38 -11.53 -18.28
N GLY C 71 24.99 -12.64 -18.91
CA GLY C 71 25.59 -13.94 -18.60
C GLY C 71 25.39 -14.23 -17.13
N SER C 72 26.51 -14.48 -16.44
CA SER C 72 26.49 -14.76 -15.00
C SER C 72 26.89 -13.50 -14.22
N LYS C 73 26.75 -12.34 -14.83
CA LYS C 73 27.05 -11.12 -14.12
C LYS C 73 25.77 -10.42 -13.74
N VAL C 74 25.58 -10.23 -12.42
CA VAL C 74 24.46 -9.47 -11.86
C VAL C 74 25.02 -8.13 -11.46
N TRP C 75 24.27 -7.07 -11.72
CA TRP C 75 24.42 -5.78 -11.03
C TRP C 75 23.18 -5.46 -10.20
N GLY C 76 23.43 -5.13 -8.94
CA GLY C 76 22.38 -4.72 -8.03
C GLY C 76 21.98 -5.87 -7.14
N PRO C 77 20.69 -5.95 -6.78
CA PRO C 77 19.64 -5.00 -7.15
C PRO C 77 19.92 -3.58 -6.71
N PHE C 78 19.40 -2.63 -7.48
CA PHE C 78 19.42 -1.19 -7.13
C PHE C 78 18.05 -0.61 -6.70
N CYS C 79 18.11 0.38 -5.79
CA CYS C 79 16.99 1.28 -5.47
C CYS C 79 17.48 2.49 -4.67
N GLY C 80 16.68 3.56 -4.68
CA GLY C 80 17.02 4.78 -3.97
C GLY C 80 16.81 6.00 -4.84
N GLU C 81 17.26 7.15 -4.33
CA GLU C 81 17.07 8.45 -4.99
C GLU C 81 18.40 8.95 -5.53
N LYS C 82 19.21 8.01 -6.02
CA LYS C 82 20.56 8.29 -6.47
C LYS C 82 21.00 7.10 -7.33
N SER C 83 21.18 7.38 -8.63
CA SER C 83 21.48 6.37 -9.62
C SER C 83 22.72 5.55 -9.28
N PRO C 84 22.94 4.43 -9.99
CA PRO C 84 24.26 3.90 -9.79
C PRO C 84 25.21 4.31 -10.94
N GLU C 85 26.51 4.19 -10.69
CA GLU C 85 27.55 4.52 -11.67
C GLU C 85 27.42 3.70 -12.98
N PRO C 86 27.68 4.34 -14.13
CA PRO C 86 27.45 3.74 -15.45
C PRO C 86 27.97 2.33 -15.50
N ILE C 87 27.34 1.45 -16.28
CA ILE C 87 27.76 0.05 -16.25
C ILE C 87 28.07 -0.41 -17.65
N SER C 88 29.35 -0.70 -17.91
CA SER C 88 29.74 -1.39 -19.15
C SER C 88 29.50 -2.83 -18.79
N THR C 89 28.61 -3.45 -19.56
CA THR C 89 28.32 -4.87 -19.39
C THR C 89 29.40 -5.77 -20.01
N GLN C 90 30.22 -5.19 -20.90
CA GLN C 90 31.14 -5.96 -21.75
C GLN C 90 30.36 -7.13 -22.36
N SER C 91 29.12 -6.89 -22.80
CA SER C 91 28.24 -7.98 -23.17
C SER C 91 27.10 -7.58 -24.08
N HIS C 92 26.83 -8.45 -25.05
CA HIS C 92 25.76 -8.29 -26.03
C HIS C 92 24.34 -8.47 -25.51
N SER C 93 24.15 -9.41 -24.60
CA SER C 93 22.81 -9.83 -24.19
C SER C 93 22.49 -9.53 -22.70
N ILE C 94 21.47 -8.69 -22.47
CA ILE C 94 21.14 -8.14 -21.16
C ILE C 94 19.64 -8.22 -20.76
N GLN C 95 19.42 -8.74 -19.54
CA GLN C 95 18.12 -8.75 -18.82
C GLN C 95 18.13 -7.63 -17.79
N ILE C 96 17.17 -6.72 -17.91
CA ILE C 96 16.98 -5.70 -16.90
C ILE C 96 15.62 -6.04 -16.30
N LEU C 97 15.66 -6.40 -15.02
CA LEU C 97 14.52 -6.90 -14.29
C LEU C 97 14.08 -5.87 -13.31
N PHE C 98 12.80 -5.49 -13.40
CA PHE C 98 12.19 -4.51 -12.50
C PHE C 98 11.08 -5.14 -11.71
N ARG C 99 10.88 -4.61 -10.48
CA ARG C 99 9.89 -5.11 -9.53
C ARG C 99 9.43 -4.02 -8.60
N SER C 100 8.13 -3.87 -8.50
CA SER C 100 7.53 -2.97 -7.57
C SER C 100 6.64 -3.79 -6.66
N ASP C 101 6.60 -3.46 -5.39
CA ASP C 101 5.69 -4.11 -4.46
C ASP C 101 4.32 -3.45 -4.58
N ASN C 102 3.55 -3.45 -3.49
CA ASN C 102 2.12 -3.10 -3.46
C ASN C 102 1.73 -1.71 -3.01
N SER C 103 2.74 -0.84 -2.87
CA SER C 103 2.56 0.47 -2.25
C SER C 103 3.81 1.28 -2.47
N GLY C 104 3.61 2.56 -2.75
CA GLY C 104 4.71 3.49 -2.89
C GLY C 104 4.33 4.53 -3.92
N GLU C 105 4.89 5.72 -3.80
CA GLU C 105 4.63 6.74 -4.81
C GLU C 105 5.91 7.10 -5.54
N ASN C 106 6.60 6.12 -6.11
CA ASN C 106 7.87 6.46 -6.73
C ASN C 106 7.78 6.47 -8.25
N ARG C 107 8.68 7.20 -8.87
CA ARG C 107 8.55 7.53 -10.29
C ARG C 107 9.37 6.66 -11.27
N GLY C 108 10.27 5.85 -10.73
CA GLY C 108 11.03 4.94 -11.56
C GLY C 108 12.30 5.61 -12.05
N TRP C 109 12.74 5.18 -13.22
CA TRP C 109 14.08 5.43 -13.67
C TRP C 109 14.02 5.65 -15.18
N ARG C 110 15.16 6.03 -15.76
CA ARG C 110 15.30 6.03 -17.19
C ARG C 110 16.74 5.73 -17.45
N LEU C 111 16.98 4.84 -18.39
CA LEU C 111 18.33 4.59 -18.82
C LEU C 111 18.43 4.60 -20.35
N SER C 112 19.63 4.75 -20.83
CA SER C 112 19.89 4.75 -22.23
C SER C 112 21.08 3.84 -22.33
N TYR C 113 20.97 2.87 -23.22
CA TYR C 113 22.05 1.93 -23.46
C TYR C 113 22.69 2.27 -24.79
N ARG C 114 23.80 1.60 -25.08
CA ARG C 114 24.57 1.93 -26.28
C ARG C 114 25.69 0.91 -26.44
N ALA C 115 25.94 0.55 -27.68
CA ALA C 115 27.02 -0.37 -28.02
C ALA C 115 27.38 -0.23 -29.50
CA CA D . 0.11 1.12 7.60
CA CA E . -6.73 0.26 -3.57
CA CA F . 6.58 0.12 -4.16
#